data_7L19
#
_entry.id   7L19
#
_cell.length_a   117.699
_cell.length_b   117.699
_cell.length_c   74.140
_cell.angle_alpha   90.000
_cell.angle_beta   90.000
_cell.angle_gamma   120.000
#
_symmetry.space_group_name_H-M   'P 32 2 1'
#
loop_
_entity.id
_entity.type
_entity.pdbx_description
1 polymer 'MarR family transcriptional regulator'
2 non-polymer '1H-INDOL-3-YLACETIC ACID'
3 non-polymer 'NICKEL (II) ION'
4 water water
#
_entity_poly.entity_id   1
_entity_poly.type   'polypeptide(L)'
_entity_poly.pdbx_seq_one_letter_code
;MHHHHHHSSGVDLGTENLYFQSNAMSNIKKTAEEQATDPAFHREEFPFYWIVNVYARYTQIMEITLKKAQLDVSGFRVLM
VTHQYGKASISQISEYAMAKMPTVTKIVGRLREDGLVTTASSENDARVTEVMLTDAGRQKVEEAMAQAGKVFEKGFKGMT
RNQVAKMNLSLAKVLDNLNEL
;
_entity_poly.pdbx_strand_id   A,B,C
#
# COMPACT_ATOMS: atom_id res chain seq x y z
N HIS A 42 -38.01 4.63 46.48
CA HIS A 42 -37.91 3.19 46.09
C HIS A 42 -37.03 2.44 47.10
N ARG A 43 -37.41 1.20 47.45
CA ARG A 43 -36.67 0.30 48.39
C ARG A 43 -35.93 -0.80 47.62
N GLU A 44 -34.65 -1.11 47.97
CA GLU A 44 -34.01 -2.45 47.82
C GLU A 44 -34.67 -3.53 48.73
N GLU A 45 -35.95 -3.89 48.46
CA GLU A 45 -36.59 -5.21 48.77
C GLU A 45 -36.20 -6.18 47.64
N PHE A 46 -35.10 -5.81 46.95
CA PHE A 46 -34.64 -6.43 45.70
C PHE A 46 -33.15 -6.57 45.76
N PRO A 47 -32.52 -7.69 46.19
CA PRO A 47 -31.07 -7.70 46.43
C PRO A 47 -30.20 -7.40 45.19
N PHE A 48 -30.71 -7.62 43.96
CA PHE A 48 -30.05 -7.32 42.66
C PHE A 48 -30.30 -5.89 42.09
N TYR A 49 -30.97 -5.00 42.83
CA TYR A 49 -31.21 -3.60 42.37
C TYR A 49 -29.90 -2.90 41.91
N TRP A 50 -28.82 -3.05 42.65
CA TRP A 50 -27.59 -2.28 42.38
C TRP A 50 -26.75 -3.03 41.33
N ILE A 51 -26.74 -4.37 41.32
CA ILE A 51 -26.08 -5.14 40.21
C ILE A 51 -26.63 -4.54 38.92
N VAL A 52 -27.94 -4.50 38.80
CA VAL A 52 -28.67 -4.11 37.57
C VAL A 52 -28.39 -2.64 37.23
N ASN A 53 -28.38 -1.76 38.23
CA ASN A 53 -28.21 -0.31 38.00
C ASN A 53 -26.73 -0.02 37.67
N VAL A 54 -25.81 -0.57 38.44
CA VAL A 54 -24.40 -0.45 38.01
C VAL A 54 -24.30 -1.03 36.59
N TYR A 55 -24.95 -2.12 36.25
CA TYR A 55 -24.71 -2.78 34.96
C TYR A 55 -25.24 -1.84 33.87
N ALA A 56 -26.42 -1.26 34.05
CA ALA A 56 -27.08 -0.39 33.04
C ALA A 56 -26.28 0.89 32.89
N ARG A 57 -25.94 1.59 33.98
CA ARG A 57 -25.12 2.83 33.84
C ARG A 57 -23.77 2.50 33.17
N TYR A 58 -23.13 1.41 33.57
CA TYR A 58 -21.85 0.97 32.95
C TYR A 58 -22.04 0.72 31.46
N THR A 59 -23.04 -0.04 31.04
CA THR A 59 -23.19 -0.41 29.61
C THR A 59 -23.38 0.89 28.83
N GLN A 60 -24.17 1.79 29.40
CA GLN A 60 -24.51 3.08 28.77
C GLN A 60 -23.21 3.83 28.49
N ILE A 61 -22.34 4.00 29.49
CA ILE A 61 -21.06 4.75 29.37
C ILE A 61 -20.14 4.09 28.34
N MET A 62 -20.01 2.76 28.36
CA MET A 62 -19.03 2.02 27.52
C MET A 62 -19.49 2.05 26.06
N GLU A 63 -20.79 2.13 25.80
CA GLU A 63 -21.38 2.27 24.44
C GLU A 63 -20.80 3.52 23.76
N ILE A 64 -20.87 4.66 24.45
CA ILE A 64 -20.50 5.98 23.87
C ILE A 64 -18.98 6.10 23.96
N THR A 65 -18.34 5.63 25.03
CA THR A 65 -16.85 5.68 25.09
C THR A 65 -16.30 4.91 23.89
N LEU A 66 -16.71 3.66 23.70
CA LEU A 66 -16.03 2.83 22.69
C LEU A 66 -16.42 3.30 21.27
N LYS A 67 -17.51 4.06 21.11
CA LYS A 67 -17.87 4.63 19.78
C LYS A 67 -16.77 5.63 19.42
N LYS A 68 -16.10 6.24 20.40
CA LYS A 68 -14.84 6.98 20.12
C LYS A 68 -13.95 6.04 19.27
N ALA A 69 -13.69 4.81 19.73
CA ALA A 69 -12.69 3.87 19.19
C ALA A 69 -13.32 2.95 18.15
N GLN A 70 -14.48 3.36 17.62
CA GLN A 70 -15.13 2.69 16.48
C GLN A 70 -15.79 1.37 16.90
N LEU A 71 -15.91 1.07 18.19
CA LEU A 71 -16.35 -0.26 18.71
C LEU A 71 -17.68 -0.14 19.45
N ASP A 72 -18.49 -1.21 19.38
CA ASP A 72 -19.61 -1.51 20.32
C ASP A 72 -19.10 -2.45 21.42
N VAL A 73 -19.90 -2.79 22.41
CA VAL A 73 -19.39 -3.53 23.61
C VAL A 73 -19.03 -4.97 23.20
N SER A 74 -19.81 -5.59 22.30
CA SER A 74 -19.67 -7.01 21.89
C SER A 74 -18.34 -7.16 21.17
N GLY A 75 -18.14 -6.27 20.20
CA GLY A 75 -16.87 -6.12 19.48
C GLY A 75 -15.71 -5.99 20.45
N PHE A 76 -15.86 -5.18 21.49
CA PHE A 76 -14.80 -4.92 22.48
C PHE A 76 -14.56 -6.18 23.32
N ARG A 77 -15.60 -6.92 23.70
CA ARG A 77 -15.46 -8.15 24.53
C ARG A 77 -14.81 -9.25 23.70
N VAL A 78 -15.20 -9.36 22.43
CA VAL A 78 -14.74 -10.49 21.56
C VAL A 78 -13.23 -10.32 21.35
N LEU A 79 -12.74 -9.08 21.16
CA LEU A 79 -11.30 -8.73 20.98
C LEU A 79 -10.54 -9.11 22.26
N MET A 80 -11.13 -8.86 23.42
CA MET A 80 -10.40 -8.97 24.70
C MET A 80 -10.26 -10.44 25.06
N VAL A 81 -11.28 -11.24 24.76
CA VAL A 81 -11.22 -12.69 25.06
C VAL A 81 -10.11 -13.29 24.20
N THR A 82 -10.12 -13.00 22.90
CA THR A 82 -9.06 -13.40 21.93
C THR A 82 -7.70 -12.92 22.43
N HIS A 83 -7.58 -11.68 22.90
CA HIS A 83 -6.31 -11.10 23.41
C HIS A 83 -5.75 -11.95 24.55
N GLN A 84 -6.53 -12.29 25.56
CA GLN A 84 -6.02 -13.05 26.73
C GLN A 84 -5.61 -14.46 26.27
N TYR A 85 -6.39 -15.07 25.37
CA TYR A 85 -6.16 -16.43 24.77
C TYR A 85 -5.01 -16.36 23.75
N GLY A 86 -4.78 -15.20 23.13
CA GLY A 86 -3.77 -14.98 22.09
C GLY A 86 -4.29 -15.42 20.74
N LYS A 87 -4.66 -16.71 20.65
CA LYS A 87 -5.42 -17.34 19.52
C LYS A 87 -6.55 -18.15 20.17
N ALA A 88 -7.80 -17.92 19.76
CA ALA A 88 -9.01 -18.46 20.39
C ALA A 88 -9.96 -19.08 19.37
N SER A 89 -10.77 -20.05 19.82
CA SER A 89 -11.88 -20.66 19.02
C SER A 89 -13.15 -19.85 19.28
N ILE A 90 -14.16 -20.00 18.42
CA ILE A 90 -15.49 -19.37 18.63
C ILE A 90 -16.06 -19.94 19.93
N SER A 91 -16.01 -21.27 20.12
CA SER A 91 -16.45 -21.95 21.35
C SER A 91 -15.86 -21.22 22.56
N GLN A 92 -14.58 -20.88 22.53
CA GLN A 92 -13.88 -20.30 23.71
C GLN A 92 -14.31 -18.85 23.89
N ILE A 93 -14.22 -18.07 22.82
CA ILE A 93 -14.72 -16.66 22.83
C ILE A 93 -16.14 -16.73 23.37
N SER A 94 -16.94 -17.63 22.80
CA SER A 94 -18.39 -17.76 23.10
C SER A 94 -18.56 -17.98 24.58
N GLU A 95 -17.68 -18.71 25.28
CA GLU A 95 -17.81 -18.78 26.77
C GLU A 95 -17.87 -17.35 27.30
N TYR A 96 -16.78 -16.59 27.16
CA TYR A 96 -16.50 -15.34 27.93
C TYR A 96 -17.12 -14.06 27.33
N ALA A 97 -17.48 -13.96 26.06
CA ALA A 97 -17.86 -12.66 25.48
C ALA A 97 -19.30 -12.27 25.87
N MET A 98 -20.05 -13.18 26.51
CA MET A 98 -21.46 -12.90 26.83
C MET A 98 -22.27 -12.91 25.53
N ALA A 99 -22.10 -13.91 24.68
CA ALA A 99 -22.91 -14.08 23.46
C ALA A 99 -22.97 -15.54 23.00
N LYS A 100 -24.14 -16.00 22.56
CA LYS A 100 -24.29 -17.36 21.98
C LYS A 100 -23.46 -17.35 20.68
N MET A 101 -22.93 -18.52 20.27
CA MET A 101 -21.87 -18.69 19.24
C MET A 101 -22.25 -18.02 17.93
N PRO A 102 -23.54 -18.03 17.50
CA PRO A 102 -23.90 -17.40 16.23
C PRO A 102 -23.85 -15.86 16.27
N THR A 103 -23.86 -15.23 17.43
CA THR A 103 -23.49 -13.80 17.53
C THR A 103 -21.97 -13.69 17.37
N VAL A 104 -21.18 -14.35 18.21
CA VAL A 104 -19.70 -14.39 18.18
C VAL A 104 -19.20 -14.63 16.74
N THR A 105 -19.80 -15.58 16.02
CA THR A 105 -19.41 -15.93 14.63
C THR A 105 -19.74 -14.74 13.71
N LYS A 106 -20.86 -14.03 13.91
CA LYS A 106 -21.18 -12.81 13.13
C LYS A 106 -20.32 -11.66 13.67
N ILE A 107 -19.94 -11.67 14.95
CA ILE A 107 -19.05 -10.59 15.48
C ILE A 107 -17.65 -10.83 14.92
N VAL A 108 -17.14 -12.05 15.01
CA VAL A 108 -15.72 -12.34 14.62
C VAL A 108 -15.57 -12.03 13.12
N GLY A 109 -16.62 -12.22 12.32
CA GLY A 109 -16.63 -11.97 10.87
C GLY A 109 -16.63 -10.49 10.51
N ARG A 110 -17.18 -9.62 11.36
CA ARG A 110 -17.08 -8.15 11.16
C ARG A 110 -15.61 -7.75 11.40
N LEU A 111 -14.98 -8.37 12.40
CA LEU A 111 -13.61 -8.05 12.92
C LEU A 111 -12.55 -8.69 12.00
N ARG A 112 -12.84 -9.85 11.39
CA ARG A 112 -12.05 -10.43 10.27
C ARG A 112 -11.96 -9.39 9.14
N GLU A 113 -13.12 -8.88 8.72
CA GLU A 113 -13.28 -8.02 7.51
C GLU A 113 -12.63 -6.64 7.76
N ASP A 114 -12.24 -6.34 9.00
CA ASP A 114 -11.77 -4.98 9.38
C ASP A 114 -10.31 -5.02 9.85
N GLY A 115 -9.66 -6.19 9.72
CA GLY A 115 -8.22 -6.41 9.97
C GLY A 115 -7.85 -6.28 11.42
N LEU A 116 -8.78 -6.65 12.31
CA LEU A 116 -8.54 -6.55 13.77
C LEU A 116 -8.31 -7.97 14.27
N VAL A 117 -8.86 -8.97 13.59
CA VAL A 117 -8.58 -10.40 13.89
C VAL A 117 -8.40 -11.14 12.56
N THR A 118 -7.56 -12.17 12.58
CA THR A 118 -7.30 -13.05 11.41
C THR A 118 -7.16 -14.49 11.92
N THR A 119 -6.48 -15.36 11.12
CA THR A 119 -6.24 -16.82 11.33
C THR A 119 -7.54 -17.56 11.04
N GLU A 130 -11.53 -22.56 12.28
CA GLU A 130 -11.34 -23.01 13.70
C GLU A 130 -10.94 -21.80 14.57
N VAL A 131 -9.65 -21.45 14.63
CA VAL A 131 -9.04 -20.54 15.64
C VAL A 131 -8.69 -19.18 15.00
N MET A 132 -8.73 -18.10 15.79
CA MET A 132 -8.60 -16.67 15.37
C MET A 132 -7.72 -15.87 16.37
N LEU A 133 -7.07 -14.78 15.90
CA LEU A 133 -5.95 -14.04 16.60
C LEU A 133 -5.98 -12.56 16.18
N THR A 134 -5.47 -11.67 17.03
CA THR A 134 -5.50 -10.17 16.88
C THR A 134 -4.36 -9.65 15.93
N ASP A 135 -4.47 -8.44 15.33
CA ASP A 135 -3.50 -7.90 14.31
C ASP A 135 -2.94 -6.50 14.66
N ALA A 136 -3.44 -5.45 14.02
CA ALA A 136 -3.52 -4.07 14.55
C ALA A 136 -4.78 -3.97 15.43
N GLY A 137 -5.46 -5.10 15.60
CA GLY A 137 -6.29 -5.33 16.80
C GLY A 137 -5.47 -5.02 18.05
N ARG A 138 -4.18 -5.44 18.00
CA ARG A 138 -3.28 -5.19 19.15
C ARG A 138 -3.26 -3.68 19.41
N GLN A 139 -3.53 -2.86 18.39
CA GLN A 139 -3.57 -1.38 18.56
C GLN A 139 -4.98 -1.00 18.96
N LYS A 140 -5.97 -1.70 18.41
CA LYS A 140 -7.39 -1.45 18.75
C LYS A 140 -7.53 -1.68 20.25
N VAL A 141 -6.90 -2.71 20.81
CA VAL A 141 -7.09 -3.01 22.26
C VAL A 141 -6.33 -2.00 23.12
N GLU A 142 -5.20 -1.48 22.69
CA GLU A 142 -4.59 -0.35 23.45
C GLU A 142 -5.63 0.79 23.50
N GLU A 143 -6.17 1.20 22.35
CA GLU A 143 -7.11 2.35 22.20
C GLU A 143 -8.30 2.10 23.15
N ALA A 144 -8.85 0.88 23.09
CA ALA A 144 -10.08 0.45 23.80
C ALA A 144 -9.82 0.47 25.30
N MET A 145 -8.75 -0.19 25.73
CA MET A 145 -8.49 -0.29 27.18
C MET A 145 -8.04 1.08 27.71
N ALA A 146 -7.46 1.97 26.91
CA ALA A 146 -7.17 3.33 27.40
C ALA A 146 -8.49 3.98 27.79
N GLN A 147 -9.47 3.92 26.89
CA GLN A 147 -10.81 4.52 27.13
C GLN A 147 -11.44 3.84 28.37
N ALA A 148 -11.35 2.53 28.45
CA ALA A 148 -12.10 1.75 29.47
C ALA A 148 -11.44 1.95 30.83
N GLY A 149 -10.13 2.17 30.82
CA GLY A 149 -9.34 2.52 32.00
C GLY A 149 -9.82 3.84 32.57
N LYS A 150 -10.20 4.81 31.72
CA LYS A 150 -10.82 6.08 32.22
C LYS A 150 -12.17 5.67 32.86
N VAL A 151 -12.89 4.76 32.23
CA VAL A 151 -14.21 4.40 32.79
C VAL A 151 -14.00 3.71 34.13
N PHE A 152 -13.01 2.82 34.24
CA PHE A 152 -12.81 2.02 35.50
C PHE A 152 -12.26 2.96 36.58
N GLU A 153 -11.47 3.95 36.21
CA GLU A 153 -10.81 4.88 37.20
C GLU A 153 -11.91 5.70 37.88
N LYS A 154 -12.82 6.28 37.10
CA LYS A 154 -13.98 7.06 37.57
C LYS A 154 -14.87 6.13 38.40
N GLY A 155 -15.15 4.95 37.84
CA GLY A 155 -16.02 3.94 38.45
C GLY A 155 -15.68 3.66 39.90
N PHE A 156 -14.41 3.37 40.23
CA PHE A 156 -13.97 2.80 41.50
C PHE A 156 -13.34 3.91 42.37
N LYS A 157 -13.37 5.20 41.95
CA LYS A 157 -12.82 6.37 42.69
C LYS A 157 -13.24 6.35 44.14
N GLY A 158 -12.32 6.58 45.06
CA GLY A 158 -12.62 6.71 46.49
C GLY A 158 -12.92 5.39 47.14
N MET A 159 -12.79 4.29 46.42
CA MET A 159 -12.95 2.92 46.94
C MET A 159 -11.57 2.26 47.10
N THR A 160 -11.39 1.59 48.25
CA THR A 160 -10.15 0.85 48.55
C THR A 160 -10.05 -0.39 47.68
N ARG A 161 -8.84 -0.85 47.51
CA ARG A 161 -8.51 -2.10 46.82
C ARG A 161 -9.30 -3.23 47.48
N ASN A 162 -9.28 -3.32 48.82
CA ASN A 162 -9.95 -4.42 49.54
C ASN A 162 -11.47 -4.28 49.37
N GLN A 163 -12.02 -3.07 49.42
CA GLN A 163 -13.46 -2.97 49.21
C GLN A 163 -13.73 -3.64 47.86
N VAL A 164 -12.97 -3.29 46.83
CA VAL A 164 -13.33 -3.66 45.43
C VAL A 164 -13.18 -5.17 45.28
N ALA A 165 -12.17 -5.75 45.90
CA ALA A 165 -11.92 -7.19 45.92
C ALA A 165 -13.05 -7.94 46.66
N LYS A 166 -13.44 -7.51 47.86
CA LYS A 166 -14.55 -8.13 48.65
C LYS A 166 -15.86 -8.03 47.85
N MET A 167 -16.03 -6.96 47.08
CA MET A 167 -17.28 -6.80 46.34
C MET A 167 -17.24 -7.90 45.31
N ASN A 168 -16.09 -8.09 44.62
CA ASN A 168 -16.01 -9.02 43.46
C ASN A 168 -16.00 -10.46 44.01
N LEU A 169 -15.45 -10.71 45.18
CA LEU A 169 -15.55 -12.06 45.81
C LEU A 169 -17.02 -12.37 46.09
N SER A 170 -17.77 -11.44 46.67
CA SER A 170 -19.19 -11.68 47.02
C SER A 170 -19.97 -11.91 45.75
N LEU A 171 -19.71 -11.12 44.72
CA LEU A 171 -20.44 -11.25 43.45
C LEU A 171 -20.16 -12.62 42.83
N ALA A 172 -18.95 -13.12 42.97
CA ALA A 172 -18.57 -14.43 42.42
C ALA A 172 -19.25 -15.53 43.24
N LYS A 173 -19.60 -15.33 44.48
CA LYS A 173 -20.38 -16.34 45.20
C LYS A 173 -21.82 -16.33 44.67
N VAL A 174 -22.33 -15.17 44.25
CA VAL A 174 -23.73 -15.03 43.74
C VAL A 174 -23.82 -15.84 42.45
N LEU A 175 -22.82 -15.72 41.62
CA LEU A 175 -22.69 -16.46 40.32
C LEU A 175 -22.53 -17.98 40.53
N ASP A 176 -21.67 -18.43 41.45
CA ASP A 176 -21.54 -19.88 41.69
C ASP A 176 -22.97 -20.34 41.97
N ASN A 177 -23.61 -19.72 42.97
CA ASN A 177 -24.99 -20.05 43.37
C ASN A 177 -25.90 -20.00 42.13
N LEU A 178 -25.88 -19.01 41.26
CA LEU A 178 -26.91 -19.00 40.19
C LEU A 178 -26.63 -20.15 39.22
N ASN A 179 -25.36 -20.50 38.94
CA ASN A 179 -24.85 -21.61 38.09
C ASN A 179 -25.04 -23.00 38.76
N PHE B 41 8.20 -15.80 -5.19
CA PHE B 41 8.36 -14.51 -5.99
C PHE B 41 8.41 -14.79 -7.50
N HIS B 42 7.27 -14.73 -8.19
CA HIS B 42 7.09 -15.14 -9.60
C HIS B 42 6.36 -14.03 -10.33
N ARG B 43 6.68 -13.80 -11.61
CA ARG B 43 6.44 -12.48 -12.24
C ARG B 43 5.34 -12.60 -13.30
N GLU B 44 4.80 -13.79 -13.56
CA GLU B 44 4.06 -13.97 -14.83
C GLU B 44 2.67 -13.35 -14.67
N GLU B 45 2.16 -13.25 -13.42
CA GLU B 45 0.85 -12.62 -13.02
C GLU B 45 0.87 -11.08 -13.19
N PHE B 46 2.06 -10.46 -13.25
CA PHE B 46 2.30 -9.00 -13.45
C PHE B 46 2.86 -8.72 -14.85
N PRO B 47 2.05 -8.68 -15.91
CA PRO B 47 2.57 -8.43 -17.26
C PRO B 47 3.43 -7.19 -17.47
N PHE B 48 3.42 -6.19 -16.61
CA PHE B 48 4.16 -4.91 -16.76
C PHE B 48 5.48 -4.99 -15.98
N TYR B 49 5.83 -6.16 -15.47
CA TYR B 49 6.96 -6.37 -14.54
C TYR B 49 8.26 -5.91 -15.18
N TRP B 50 8.54 -6.32 -16.42
CA TRP B 50 9.84 -5.96 -17.06
C TRP B 50 9.80 -4.51 -17.49
N ILE B 51 8.68 -3.96 -17.95
CA ILE B 51 8.55 -2.51 -18.27
C ILE B 51 8.82 -1.65 -17.02
N VAL B 52 8.31 -2.03 -15.87
CA VAL B 52 8.52 -1.32 -14.58
C VAL B 52 9.97 -1.50 -14.13
N ASN B 53 10.51 -2.71 -14.21
CA ASN B 53 11.84 -3.04 -13.67
C ASN B 53 12.92 -2.32 -14.49
N VAL B 54 12.84 -2.33 -15.81
CA VAL B 54 13.78 -1.57 -16.67
C VAL B 54 13.70 -0.08 -16.30
N TYR B 55 12.52 0.51 -16.15
CA TYR B 55 12.34 1.97 -15.95
C TYR B 55 12.93 2.38 -14.61
N ALA B 56 12.76 1.56 -13.60
CA ALA B 56 13.17 1.89 -12.24
C ALA B 56 14.69 1.91 -12.20
N ARG B 57 15.34 0.93 -12.80
CA ARG B 57 16.82 0.88 -12.84
C ARG B 57 17.36 2.05 -13.67
N TYR B 58 16.68 2.36 -14.77
CA TYR B 58 17.09 3.43 -15.69
C TYR B 58 17.02 4.76 -14.93
N THR B 59 15.96 5.01 -14.17
CA THR B 59 15.75 6.29 -13.46
C THR B 59 16.69 6.36 -12.26
N GLN B 60 17.05 5.22 -11.70
CA GLN B 60 18.06 5.15 -10.61
C GLN B 60 19.40 5.65 -11.16
N ILE B 61 19.76 5.24 -12.37
CA ILE B 61 21.09 5.53 -12.96
C ILE B 61 21.12 6.97 -13.49
N MET B 62 20.12 7.40 -14.24
CA MET B 62 20.05 8.83 -14.66
C MET B 62 20.23 9.73 -13.43
N GLU B 63 19.41 9.55 -12.38
CA GLU B 63 19.37 10.40 -11.15
C GLU B 63 20.79 10.68 -10.66
N ILE B 64 21.64 9.63 -10.60
CA ILE B 64 23.09 9.74 -10.24
C ILE B 64 23.80 10.54 -11.36
N THR B 65 23.87 10.02 -12.60
CA THR B 65 24.71 10.64 -13.67
C THR B 65 24.27 12.11 -13.87
N LEU B 66 22.99 12.42 -13.75
CA LEU B 66 22.50 13.80 -13.95
C LEU B 66 22.80 14.71 -12.75
N LYS B 67 23.25 14.17 -11.60
CA LYS B 67 23.67 14.95 -10.39
C LYS B 67 25.14 15.37 -10.58
N LYS B 68 25.90 14.56 -11.35
CA LYS B 68 27.26 14.90 -11.86
C LYS B 68 27.17 16.04 -12.89
N ALA B 69 25.95 16.54 -13.15
CA ALA B 69 25.63 17.78 -13.91
C ALA B 69 24.55 18.61 -13.19
N GLN B 70 24.38 18.47 -11.86
CA GLN B 70 23.59 19.42 -11.02
C GLN B 70 22.08 19.28 -11.28
N LEU B 71 21.60 18.14 -11.79
CA LEU B 71 20.22 18.00 -12.38
C LEU B 71 19.43 16.82 -11.78
N ASP B 72 18.11 16.95 -11.83
CA ASP B 72 17.10 15.88 -11.58
C ASP B 72 16.41 15.55 -12.92
N VAL B 73 15.91 14.32 -13.04
CA VAL B 73 15.37 13.73 -14.31
C VAL B 73 14.24 14.60 -14.86
N SER B 74 13.25 15.00 -14.04
CA SER B 74 12.11 15.85 -14.47
C SER B 74 12.64 17.15 -15.09
N GLY B 75 13.58 17.81 -14.40
CA GLY B 75 14.26 19.03 -14.87
C GLY B 75 14.91 18.79 -16.22
N PHE B 76 15.65 17.68 -16.36
CA PHE B 76 16.26 17.25 -17.64
C PHE B 76 15.18 17.05 -18.71
N ARG B 77 14.08 16.39 -18.40
CA ARG B 77 13.07 16.10 -19.45
C ARG B 77 12.52 17.43 -19.94
N VAL B 78 12.25 18.36 -19.03
CA VAL B 78 11.69 19.69 -19.40
C VAL B 78 12.73 20.36 -20.30
N LEU B 79 13.99 20.40 -19.86
CA LEU B 79 15.07 21.08 -20.64
C LEU B 79 15.14 20.44 -22.04
N MET B 80 15.13 19.10 -22.14
CA MET B 80 15.30 18.41 -23.46
C MET B 80 14.13 18.74 -24.39
N VAL B 81 12.90 18.68 -23.90
CA VAL B 81 11.71 18.96 -24.76
C VAL B 81 11.80 20.43 -25.22
N THR B 82 12.25 21.33 -24.36
CA THR B 82 12.46 22.76 -24.71
C THR B 82 13.52 22.86 -25.82
N HIS B 83 14.69 22.22 -25.64
CA HIS B 83 15.84 22.34 -26.58
C HIS B 83 15.33 21.99 -27.98
N GLN B 84 14.36 21.07 -28.09
CA GLN B 84 13.84 20.61 -29.40
C GLN B 84 12.82 21.62 -29.92
N TYR B 85 11.84 22.01 -29.13
CA TYR B 85 10.83 23.01 -29.55
C TYR B 85 11.39 24.44 -29.63
N GLY B 86 12.57 24.72 -29.04
CA GLY B 86 13.15 26.08 -28.96
C GLY B 86 12.47 26.86 -27.80
N LYS B 87 11.22 27.28 -28.16
CA LYS B 87 10.28 27.92 -27.19
C LYS B 87 8.96 27.14 -27.16
N ALA B 88 8.81 26.16 -26.26
CA ALA B 88 7.59 25.34 -26.08
C ALA B 88 6.68 25.93 -24.99
N SER B 89 5.37 25.67 -25.09
CA SER B 89 4.32 26.09 -24.11
C SER B 89 4.26 25.08 -22.96
N ILE B 90 3.68 25.49 -21.82
CA ILE B 90 3.45 24.60 -20.65
C ILE B 90 2.88 23.27 -21.16
N SER B 91 1.84 23.33 -22.01
CA SER B 91 1.09 22.13 -22.48
C SER B 91 2.05 21.18 -23.20
N GLN B 92 2.82 21.65 -24.18
CA GLN B 92 3.75 20.80 -24.97
C GLN B 92 4.76 20.15 -24.02
N ILE B 93 5.35 20.92 -23.11
CA ILE B 93 6.33 20.38 -22.13
C ILE B 93 5.65 19.21 -21.40
N SER B 94 4.45 19.44 -20.85
CA SER B 94 3.70 18.48 -19.99
C SER B 94 3.21 17.26 -20.78
N GLU B 95 2.85 17.41 -22.05
CA GLU B 95 2.49 16.24 -22.88
C GLU B 95 3.71 15.31 -22.95
N TYR B 96 4.93 15.84 -23.16
CA TYR B 96 6.13 15.00 -23.43
C TYR B 96 7.00 14.80 -22.19
N ALA B 97 6.88 15.64 -21.16
CA ALA B 97 7.75 15.65 -19.95
C ALA B 97 7.35 14.56 -18.96
N MET B 98 6.17 13.95 -19.16
CA MET B 98 5.57 12.93 -18.27
C MET B 98 5.27 13.56 -16.89
N ALA B 99 4.93 14.85 -16.86
CA ALA B 99 4.48 15.49 -15.60
C ALA B 99 3.17 16.26 -15.83
N LYS B 100 2.40 16.43 -14.74
CA LYS B 100 1.14 17.22 -14.71
C LYS B 100 1.51 18.68 -14.98
N MET B 101 0.58 19.46 -15.55
CA MET B 101 0.86 20.87 -15.92
C MET B 101 1.34 21.64 -14.69
N PRO B 102 0.74 21.50 -13.48
CA PRO B 102 1.26 22.16 -12.29
C PRO B 102 2.73 21.82 -11.98
N THR B 103 3.13 20.56 -12.15
CA THR B 103 4.50 20.08 -11.86
C THR B 103 5.48 20.68 -12.87
N VAL B 104 5.12 20.74 -14.16
CA VAL B 104 5.98 21.36 -15.21
C VAL B 104 6.31 22.82 -14.83
N THR B 105 5.31 23.59 -14.37
CA THR B 105 5.42 25.02 -13.92
C THR B 105 6.49 25.15 -12.84
N LYS B 106 6.43 24.30 -11.79
CA LYS B 106 7.37 24.34 -10.64
C LYS B 106 8.78 23.99 -11.16
N ILE B 107 8.90 23.01 -12.05
CA ILE B 107 10.21 22.58 -12.66
C ILE B 107 10.80 23.78 -13.42
N VAL B 108 9.97 24.49 -14.20
CA VAL B 108 10.38 25.69 -14.98
C VAL B 108 10.87 26.77 -13.99
N GLY B 109 10.14 26.96 -12.89
CA GLY B 109 10.52 27.89 -11.80
C GLY B 109 11.90 27.56 -11.25
N ARG B 110 12.16 26.27 -10.97
CA ARG B 110 13.45 25.77 -10.44
C ARG B 110 14.57 26.01 -11.47
N LEU B 111 14.25 25.91 -12.76
CA LEU B 111 15.21 26.18 -13.87
C LEU B 111 15.53 27.69 -13.98
N ARG B 112 14.61 28.61 -13.66
CA ARG B 112 14.91 30.06 -13.59
C ARG B 112 15.91 30.34 -12.45
N GLU B 130 5.13 30.66 -22.95
CA GLU B 130 6.12 29.72 -23.53
C GLU B 130 7.44 29.76 -22.72
N VAL B 131 8.32 28.78 -22.95
CA VAL B 131 9.50 28.43 -22.09
C VAL B 131 10.69 28.12 -23.01
N MET B 132 11.85 28.71 -22.71
CA MET B 132 12.95 28.99 -23.67
C MET B 132 14.28 28.60 -23.05
N LEU B 133 15.11 27.90 -23.82
CA LEU B 133 16.50 27.63 -23.40
C LEU B 133 17.25 28.97 -23.45
N THR B 134 18.05 29.28 -22.44
CA THR B 134 18.59 30.64 -22.23
C THR B 134 20.06 30.70 -22.67
N ASP B 135 20.54 29.74 -23.45
CA ASP B 135 21.99 29.74 -23.79
C ASP B 135 22.73 29.16 -22.57
N ALA B 136 22.48 29.66 -21.36
CA ALA B 136 22.85 28.91 -20.13
C ALA B 136 22.25 27.51 -20.27
N GLY B 137 21.00 27.45 -20.74
CA GLY B 137 20.31 26.18 -21.06
C GLY B 137 21.09 25.38 -22.08
N ARG B 138 21.52 26.06 -23.16
CA ARG B 138 22.16 25.41 -24.33
C ARG B 138 23.37 24.64 -23.83
N GLN B 139 24.06 25.21 -22.83
CA GLN B 139 25.22 24.60 -22.16
C GLN B 139 24.73 23.35 -21.44
N LYS B 140 23.73 23.49 -20.57
CA LYS B 140 23.35 22.35 -19.68
C LYS B 140 22.94 21.15 -20.55
N VAL B 141 22.04 21.40 -21.49
CA VAL B 141 21.64 20.37 -22.49
C VAL B 141 22.90 19.68 -23.01
N GLU B 142 23.86 20.39 -23.60
CA GLU B 142 25.10 19.74 -24.11
C GLU B 142 25.69 18.90 -22.98
N GLU B 143 25.94 19.49 -21.81
CA GLU B 143 26.66 18.82 -20.68
C GLU B 143 25.94 17.51 -20.32
N ALA B 144 24.60 17.56 -20.23
CA ALA B 144 23.75 16.42 -19.77
C ALA B 144 23.74 15.32 -20.83
N MET B 145 23.33 15.67 -22.05
CA MET B 145 23.25 14.72 -23.18
C MET B 145 24.57 13.97 -23.32
N ALA B 146 25.69 14.64 -23.10
CA ALA B 146 27.04 14.03 -23.07
C ALA B 146 27.05 12.86 -22.09
N GLN B 147 26.56 13.08 -20.85
CA GLN B 147 26.44 12.01 -19.81
C GLN B 147 25.25 11.05 -20.07
N ALA B 148 24.04 11.53 -20.41
CA ALA B 148 22.87 10.69 -20.76
C ALA B 148 23.25 9.69 -21.84
N GLY B 149 23.85 10.20 -22.93
CA GLY B 149 24.31 9.38 -24.06
C GLY B 149 25.15 8.23 -23.55
N LYS B 150 25.89 8.42 -22.46
CA LYS B 150 26.71 7.34 -21.89
C LYS B 150 25.70 6.28 -21.44
N VAL B 151 24.67 6.70 -20.72
CA VAL B 151 23.65 5.75 -20.16
C VAL B 151 22.91 5.06 -21.32
N PHE B 152 22.37 5.83 -22.27
CA PHE B 152 21.68 5.32 -23.52
C PHE B 152 22.56 4.29 -24.24
N GLU B 153 23.83 4.61 -24.53
CA GLU B 153 24.73 3.69 -25.27
C GLU B 153 24.94 2.43 -24.41
N LYS B 154 25.13 2.49 -23.10
CA LYS B 154 25.40 1.24 -22.32
C LYS B 154 24.08 0.44 -22.30
N GLY B 155 22.95 1.11 -22.05
CA GLY B 155 21.60 0.50 -22.00
C GLY B 155 21.39 -0.44 -23.17
N PHE B 156 21.74 0.01 -24.37
CA PHE B 156 21.34 -0.67 -25.63
C PHE B 156 22.53 -1.42 -26.23
N LYS B 157 23.66 -1.50 -25.53
CA LYS B 157 24.86 -2.19 -26.07
C LYS B 157 24.53 -3.63 -26.51
N GLY B 158 25.15 -4.11 -27.58
CA GLY B 158 24.92 -5.49 -28.06
C GLY B 158 23.54 -5.78 -28.79
N MET B 159 22.56 -4.90 -28.56
CA MET B 159 21.23 -5.04 -29.17
C MET B 159 21.17 -4.58 -30.62
N THR B 160 20.47 -5.33 -31.47
CA THR B 160 20.39 -4.96 -32.90
C THR B 160 19.27 -3.96 -33.08
N ARG B 161 19.43 -3.14 -34.09
CA ARG B 161 18.46 -2.09 -34.42
C ARG B 161 17.10 -2.79 -34.48
N ASN B 162 17.09 -3.93 -35.14
CA ASN B 162 15.87 -4.75 -35.42
C ASN B 162 15.34 -5.24 -34.07
N GLN B 163 16.16 -5.73 -33.15
CA GLN B 163 15.57 -6.13 -31.85
C GLN B 163 14.89 -4.90 -31.24
N VAL B 164 15.49 -3.74 -31.30
CA VAL B 164 14.98 -2.56 -30.55
C VAL B 164 13.76 -2.04 -31.31
N ALA B 165 13.72 -2.20 -32.61
CA ALA B 165 12.60 -1.67 -33.38
C ALA B 165 11.41 -2.49 -32.93
N LYS B 166 11.56 -3.83 -32.81
CA LYS B 166 10.42 -4.74 -32.52
C LYS B 166 9.94 -4.47 -31.11
N MET B 167 10.88 -4.26 -30.20
CA MET B 167 10.63 -3.95 -28.80
C MET B 167 9.73 -2.76 -28.71
N ASN B 168 9.97 -1.74 -29.52
CA ASN B 168 9.32 -0.42 -29.33
C ASN B 168 7.94 -0.57 -29.96
N LEU B 169 7.86 -1.39 -31.01
CA LEU B 169 6.58 -1.60 -31.73
C LEU B 169 5.60 -2.28 -30.79
N SER B 170 6.09 -3.22 -29.98
CA SER B 170 5.31 -3.96 -28.99
C SER B 170 4.86 -3.01 -27.88
N LEU B 171 5.77 -2.18 -27.34
CA LEU B 171 5.41 -1.22 -26.25
C LEU B 171 4.51 -0.15 -26.86
N ALA B 172 4.60 0.14 -28.15
CA ALA B 172 3.67 1.13 -28.74
C ALA B 172 2.23 0.56 -28.74
N LYS B 173 2.04 -0.70 -29.11
CA LYS B 173 0.72 -1.39 -29.06
C LYS B 173 0.20 -1.38 -27.62
N VAL B 174 1.04 -1.76 -26.66
CA VAL B 174 0.65 -1.70 -25.23
C VAL B 174 0.07 -0.32 -24.95
N LEU B 175 0.79 0.73 -25.32
CA LEU B 175 0.47 2.14 -24.91
C LEU B 175 -0.78 2.59 -25.67
N ASP B 176 -0.95 2.17 -26.92
CA ASP B 176 -2.16 2.44 -27.74
C ASP B 176 -3.38 1.87 -27.01
N ASN B 177 -3.22 0.61 -26.56
CA ASN B 177 -4.23 -0.15 -25.77
C ASN B 177 -4.57 0.57 -24.47
N LEU B 178 -3.58 0.91 -23.66
CA LEU B 178 -3.86 1.68 -22.44
C LEU B 178 -4.56 3.00 -22.74
N ASN B 179 -4.72 3.44 -24.01
CA ASN B 179 -5.52 4.67 -24.36
C ASN B 179 -6.70 4.31 -25.28
N PHE C 41 9.12 17.08 -31.30
CA PHE C 41 9.95 16.23 -30.39
C PHE C 41 10.47 14.99 -31.15
N HIS C 42 11.76 14.94 -31.47
CA HIS C 42 12.47 13.76 -32.05
C HIS C 42 12.74 12.75 -30.92
N ARG C 43 11.88 11.74 -30.78
CA ARG C 43 12.10 10.70 -29.75
C ARG C 43 13.34 9.81 -30.06
N GLU C 44 13.81 9.67 -31.31
CA GLU C 44 14.86 8.65 -31.66
C GLU C 44 16.14 8.90 -30.85
N GLU C 45 16.49 10.18 -30.54
CA GLU C 45 17.63 10.56 -29.66
C GLU C 45 17.49 9.92 -28.23
N PHE C 46 16.31 9.44 -27.85
CA PHE C 46 16.00 8.94 -26.48
C PHE C 46 15.56 7.48 -26.56
N PRO C 47 16.49 6.52 -26.52
CA PRO C 47 16.13 5.13 -26.80
C PRO C 47 15.28 4.47 -25.71
N PHE C 48 15.00 5.16 -24.62
CA PHE C 48 14.14 4.70 -23.50
C PHE C 48 12.79 5.42 -23.60
N TYR C 49 12.52 6.25 -24.61
CA TYR C 49 11.23 6.97 -24.76
C TYR C 49 10.04 6.03 -24.50
N TRP C 50 9.96 4.97 -25.28
CA TRP C 50 8.77 4.09 -25.30
C TRP C 50 8.61 3.37 -23.96
N ILE C 51 9.69 2.85 -23.37
CA ILE C 51 9.70 2.23 -22.02
C ILE C 51 9.16 3.23 -20.98
N VAL C 52 9.43 4.50 -21.15
CA VAL C 52 9.18 5.51 -20.08
C VAL C 52 7.72 5.90 -20.22
N ASN C 53 7.17 5.97 -21.43
CA ASN C 53 5.75 6.34 -21.68
C ASN C 53 4.87 5.20 -21.23
N VAL C 54 5.24 3.95 -21.49
CA VAL C 54 4.35 2.83 -21.08
C VAL C 54 4.29 2.84 -19.53
N TYR C 55 5.45 2.88 -18.87
CA TYR C 55 5.55 3.00 -17.39
C TYR C 55 4.73 4.20 -16.91
N ALA C 56 4.65 5.28 -17.65
CA ALA C 56 4.02 6.53 -17.17
C ALA C 56 2.52 6.32 -17.26
N ARG C 57 2.02 5.93 -18.42
CA ARG C 57 0.58 5.71 -18.67
C ARG C 57 0.07 4.60 -17.73
N TYR C 58 0.82 3.50 -17.60
CA TYR C 58 0.44 2.40 -16.68
C TYR C 58 0.24 3.00 -15.29
N THR C 59 1.23 3.71 -14.75
CA THR C 59 1.18 4.24 -13.36
C THR C 59 0.00 5.20 -13.20
N GLN C 60 -0.25 6.04 -14.19
CA GLN C 60 -1.37 6.99 -14.16
C GLN C 60 -2.68 6.22 -13.95
N ILE C 61 -2.85 5.11 -14.67
CA ILE C 61 -4.10 4.29 -14.70
C ILE C 61 -4.20 3.47 -13.39
N MET C 62 -3.18 2.64 -13.09
CA MET C 62 -3.03 1.93 -11.80
C MET C 62 -3.28 2.88 -10.63
N GLU C 63 -2.74 4.09 -10.63
CA GLU C 63 -2.88 4.90 -9.41
C GLU C 63 -4.37 5.17 -9.23
N ILE C 64 -5.18 5.19 -10.32
CA ILE C 64 -6.61 5.58 -10.17
C ILE C 64 -7.52 4.34 -10.08
N THR C 65 -7.12 3.15 -10.59
CA THR C 65 -7.92 1.91 -10.35
C THR C 65 -7.61 1.41 -8.93
N LEU C 66 -6.35 1.39 -8.47
CA LEU C 66 -6.05 1.06 -7.06
C LEU C 66 -6.80 2.00 -6.09
N LYS C 67 -7.25 3.19 -6.51
CA LYS C 67 -7.92 4.17 -5.59
C LYS C 67 -9.29 3.61 -5.23
N LYS C 68 -9.97 2.96 -6.19
CA LYS C 68 -11.26 2.25 -5.95
C LYS C 68 -11.06 1.41 -4.67
N ALA C 69 -9.96 0.64 -4.61
CA ALA C 69 -9.63 -0.33 -3.53
C ALA C 69 -8.93 0.37 -2.36
N GLN C 70 -8.88 1.70 -2.37
CA GLN C 70 -8.24 2.52 -1.29
C GLN C 70 -6.73 2.26 -1.23
N LEU C 71 -6.05 2.09 -2.38
CA LEU C 71 -4.63 1.63 -2.50
C LEU C 71 -3.77 2.64 -3.26
N ASP C 72 -2.48 2.73 -2.87
CA ASP C 72 -1.38 3.34 -3.65
C ASP C 72 -0.53 2.20 -4.24
N VAL C 73 0.17 2.47 -5.35
CA VAL C 73 0.86 1.44 -6.17
C VAL C 73 1.92 0.78 -5.28
N SER C 74 2.61 1.53 -4.46
CA SER C 74 3.67 0.95 -3.60
C SER C 74 3.04 -0.14 -2.73
N GLY C 75 1.91 0.20 -2.09
CA GLY C 75 1.14 -0.70 -1.21
C GLY C 75 0.64 -1.91 -1.97
N PHE C 76 0.03 -1.67 -3.12
CA PHE C 76 -0.35 -2.76 -4.04
C PHE C 76 0.80 -3.74 -4.22
N ARG C 77 1.96 -3.22 -4.61
CA ARG C 77 3.16 -4.03 -4.91
C ARG C 77 3.57 -4.84 -3.69
N VAL C 78 3.65 -4.22 -2.51
CA VAL C 78 4.16 -4.94 -1.29
C VAL C 78 3.11 -5.99 -0.86
N LEU C 79 1.81 -5.69 -1.01
CA LEU C 79 0.76 -6.70 -0.66
C LEU C 79 1.04 -7.97 -1.48
N MET C 80 1.29 -7.79 -2.78
CA MET C 80 1.48 -8.90 -3.75
C MET C 80 2.83 -9.65 -3.56
N VAL C 81 3.87 -8.97 -3.12
CA VAL C 81 5.13 -9.70 -2.81
C VAL C 81 4.83 -10.57 -1.60
N THR C 82 4.06 -10.03 -0.65
CA THR C 82 3.70 -10.71 0.62
C THR C 82 2.77 -11.87 0.29
N HIS C 83 1.83 -11.65 -0.64
CA HIS C 83 0.81 -12.68 -1.01
C HIS C 83 1.52 -13.98 -1.36
N GLN C 84 2.40 -13.98 -2.35
CA GLN C 84 3.26 -15.16 -2.61
C GLN C 84 4.48 -15.05 -1.70
N TYR C 85 5.16 -16.15 -1.39
CA TYR C 85 6.25 -16.18 -0.36
C TYR C 85 5.65 -16.34 1.04
N GLY C 86 4.38 -16.00 1.29
CA GLY C 86 3.76 -16.15 2.64
C GLY C 86 4.34 -15.16 3.66
N LYS C 87 5.03 -15.64 4.71
CA LYS C 87 5.94 -14.81 5.53
C LYS C 87 7.00 -14.18 4.60
N ALA C 88 7.23 -12.87 4.68
CA ALA C 88 8.24 -12.13 3.88
C ALA C 88 8.96 -11.09 4.74
N SER C 89 10.27 -10.96 4.59
CA SER C 89 11.06 -9.92 5.30
C SER C 89 10.96 -8.60 4.55
N ILE C 90 11.23 -7.48 5.23
CA ILE C 90 11.28 -6.12 4.63
C ILE C 90 12.19 -6.17 3.40
N SER C 91 13.33 -6.85 3.51
CA SER C 91 14.32 -7.00 2.43
C SER C 91 13.64 -7.57 1.19
N GLN C 92 13.00 -8.74 1.31
CA GLN C 92 12.47 -9.49 0.14
C GLN C 92 11.39 -8.64 -0.52
N ILE C 93 10.63 -7.88 0.27
CA ILE C 93 9.63 -6.94 -0.29
C ILE C 93 10.45 -5.95 -1.15
N SER C 94 11.42 -5.26 -0.53
CA SER C 94 12.22 -4.18 -1.17
C SER C 94 12.77 -4.68 -2.50
N GLU C 95 13.25 -5.93 -2.51
CA GLU C 95 13.84 -6.58 -3.70
C GLU C 95 12.86 -6.46 -4.85
N TYR C 96 11.58 -6.81 -4.68
CA TYR C 96 10.61 -6.81 -5.81
C TYR C 96 9.65 -5.61 -5.74
N ALA C 97 9.45 -5.08 -4.53
CA ALA C 97 8.60 -3.91 -4.23
C ALA C 97 8.96 -2.68 -5.09
N MET C 98 10.17 -2.65 -5.68
CA MET C 98 10.69 -1.45 -6.39
C MET C 98 10.63 -0.24 -5.45
N ALA C 99 11.31 -0.29 -4.31
CA ALA C 99 11.37 0.83 -3.35
C ALA C 99 12.49 0.60 -2.32
N LYS C 100 13.00 1.68 -1.69
CA LYS C 100 14.18 1.63 -0.80
C LYS C 100 13.77 1.11 0.60
N MET C 101 14.50 0.13 1.12
CA MET C 101 14.19 -0.55 2.42
C MET C 101 13.58 0.39 3.46
N PRO C 102 14.05 1.63 3.72
CA PRO C 102 13.37 2.50 4.69
C PRO C 102 11.93 2.85 4.30
N THR C 103 11.69 3.12 3.01
CA THR C 103 10.36 3.53 2.49
C THR C 103 9.47 2.28 2.42
N VAL C 104 10.08 1.12 2.23
CA VAL C 104 9.36 -0.18 2.39
C VAL C 104 8.88 -0.27 3.84
N THR C 105 9.71 0.07 4.82
CA THR C 105 9.32 0.17 6.25
C THR C 105 8.11 1.10 6.34
N LYS C 106 8.17 2.31 5.78
CA LYS C 106 7.02 3.26 5.91
C LYS C 106 5.77 2.57 5.37
N ILE C 107 5.84 1.96 4.18
CA ILE C 107 4.63 1.39 3.52
C ILE C 107 4.10 0.18 4.31
N VAL C 108 4.99 -0.70 4.81
CA VAL C 108 4.56 -1.90 5.58
C VAL C 108 3.86 -1.39 6.85
N GLY C 109 4.44 -0.37 7.48
CA GLY C 109 3.83 0.32 8.63
C GLY C 109 2.41 0.74 8.31
N ARG C 110 2.20 1.42 7.19
CA ARG C 110 0.87 1.93 6.77
C ARG C 110 -0.08 0.74 6.61
N LEU C 111 0.33 -0.32 5.90
CA LEU C 111 -0.51 -1.53 5.67
C LEU C 111 -0.85 -2.17 7.02
N ARG C 112 0.14 -2.29 7.92
CA ARG C 112 0.03 -2.96 9.24
C ARG C 112 -1.09 -2.25 10.05
N GLU C 113 -1.09 -0.92 10.04
CA GLU C 113 -2.03 -0.08 10.84
C GLU C 113 -3.47 -0.26 10.36
N ASP C 114 -3.70 -0.68 9.13
CA ASP C 114 -5.08 -0.98 8.62
C ASP C 114 -5.30 -2.51 8.48
N GLY C 115 -4.51 -3.32 9.17
CA GLY C 115 -4.73 -4.78 9.32
C GLY C 115 -4.89 -5.49 8.00
N LEU C 116 -4.12 -5.06 6.98
CA LEU C 116 -3.91 -5.85 5.75
C LEU C 116 -2.68 -6.74 5.98
N VAL C 117 -1.84 -6.43 6.96
CA VAL C 117 -0.54 -7.14 7.17
C VAL C 117 -0.21 -7.22 8.66
N THR C 118 0.43 -8.32 9.09
CA THR C 118 0.67 -8.66 10.52
C THR C 118 2.03 -9.39 10.62
N THR C 119 2.43 -9.75 11.86
CA THR C 119 3.61 -10.61 12.24
C THR C 119 4.77 -9.68 12.62
N GLU C 130 9.63 -9.49 9.77
CA GLU C 130 8.85 -10.23 8.74
C GLU C 130 7.38 -9.80 8.82
N VAL C 131 6.69 -9.90 7.69
CA VAL C 131 5.23 -9.62 7.67
C VAL C 131 4.49 -10.72 6.90
N MET C 132 3.23 -10.94 7.30
CA MET C 132 2.28 -11.88 6.67
C MET C 132 0.99 -11.13 6.33
N LEU C 133 0.26 -11.62 5.35
CA LEU C 133 -1.08 -11.10 4.96
C LEU C 133 -2.09 -11.49 6.04
N THR C 134 -3.29 -10.96 5.91
CA THR C 134 -4.45 -11.01 6.84
C THR C 134 -5.66 -11.39 6.01
N ASP C 135 -6.69 -11.97 6.60
CA ASP C 135 -7.93 -12.37 5.89
C ASP C 135 -8.51 -11.15 5.14
N ALA C 136 -8.51 -9.96 5.76
CA ALA C 136 -8.94 -8.68 5.17
C ALA C 136 -7.93 -8.31 4.09
N GLY C 137 -6.65 -8.58 4.40
CA GLY C 137 -5.51 -8.33 3.51
C GLY C 137 -5.70 -9.10 2.24
N ARG C 138 -5.96 -10.41 2.37
CA ARG C 138 -6.23 -11.36 1.26
C ARG C 138 -7.45 -10.88 0.47
N GLN C 139 -8.45 -10.34 1.13
CA GLN C 139 -9.66 -9.79 0.44
C GLN C 139 -9.20 -8.60 -0.38
N LYS C 140 -8.34 -7.73 0.16
CA LYS C 140 -7.88 -6.55 -0.60
C LYS C 140 -7.11 -7.06 -1.81
N VAL C 141 -6.20 -8.01 -1.62
CA VAL C 141 -5.47 -8.65 -2.75
C VAL C 141 -6.50 -9.02 -3.82
N GLU C 142 -7.56 -9.74 -3.48
CA GLU C 142 -8.52 -10.21 -4.51
C GLU C 142 -9.18 -8.98 -5.15
N GLU C 143 -9.76 -8.03 -4.41
CA GLU C 143 -10.39 -6.80 -4.99
C GLU C 143 -9.38 -6.04 -5.88
N ALA C 144 -8.18 -5.79 -5.38
CA ALA C 144 -7.15 -5.02 -6.09
C ALA C 144 -6.82 -5.75 -7.38
N MET C 145 -6.56 -7.05 -7.27
CA MET C 145 -6.06 -7.91 -8.37
C MET C 145 -7.19 -8.05 -9.40
N ALA C 146 -8.44 -8.02 -8.97
CA ALA C 146 -9.58 -7.87 -9.92
C ALA C 146 -9.38 -6.59 -10.74
N GLN C 147 -9.27 -5.43 -10.11
CA GLN C 147 -9.16 -4.11 -10.81
C GLN C 147 -7.89 -4.08 -11.69
N ALA C 148 -6.79 -4.63 -11.19
CA ALA C 148 -5.46 -4.59 -11.83
C ALA C 148 -5.43 -5.49 -13.06
N GLY C 149 -6.13 -6.61 -12.99
CA GLY C 149 -6.33 -7.53 -14.12
C GLY C 149 -7.12 -6.85 -15.21
N LYS C 150 -8.03 -5.93 -14.89
CA LYS C 150 -8.81 -5.25 -15.94
C LYS C 150 -7.80 -4.45 -16.75
N VAL C 151 -6.83 -3.88 -16.05
CA VAL C 151 -5.81 -3.01 -16.72
C VAL C 151 -4.80 -3.90 -17.48
N PHE C 152 -4.34 -5.00 -16.87
CA PHE C 152 -3.40 -5.94 -17.53
C PHE C 152 -4.06 -6.50 -18.78
N GLU C 153 -5.34 -6.72 -18.73
CA GLU C 153 -6.00 -7.37 -19.90
C GLU C 153 -6.05 -6.39 -21.06
N LYS C 154 -6.34 -5.12 -20.77
CA LYS C 154 -6.54 -4.06 -21.80
C LYS C 154 -5.18 -3.69 -22.38
N GLY C 155 -4.18 -3.53 -21.52
CA GLY C 155 -2.82 -3.25 -21.97
C GLY C 155 -2.37 -4.22 -23.04
N PHE C 156 -2.66 -5.50 -22.82
CA PHE C 156 -2.10 -6.58 -23.67
C PHE C 156 -3.12 -7.04 -24.70
N LYS C 157 -4.28 -6.42 -24.81
CA LYS C 157 -5.32 -6.92 -25.74
C LYS C 157 -4.77 -7.09 -27.15
N GLY C 158 -4.94 -8.25 -27.77
CA GLY C 158 -4.56 -8.44 -29.18
C GLY C 158 -3.06 -8.72 -29.41
N MET C 159 -2.27 -8.67 -28.36
CA MET C 159 -0.85 -9.03 -28.42
C MET C 159 -0.68 -10.51 -28.17
N THR C 160 0.14 -11.18 -28.96
CA THR C 160 0.31 -12.63 -28.80
C THR C 160 1.24 -12.94 -27.64
N ARG C 161 1.17 -14.15 -27.16
CA ARG C 161 2.12 -14.64 -26.16
C ARG C 161 3.55 -14.51 -26.73
N ASN C 162 3.81 -14.99 -27.95
CA ASN C 162 5.20 -14.95 -28.44
C ASN C 162 5.65 -13.49 -28.61
N GLN C 163 4.78 -12.58 -28.97
CA GLN C 163 5.15 -11.14 -29.08
C GLN C 163 5.49 -10.58 -27.69
N VAL C 164 4.69 -10.82 -26.66
CA VAL C 164 4.99 -10.33 -25.27
C VAL C 164 6.29 -11.01 -24.79
N ALA C 165 6.47 -12.30 -25.06
CA ALA C 165 7.70 -13.04 -24.70
C ALA C 165 8.96 -12.37 -25.32
N LYS C 166 8.96 -12.07 -26.63
CA LYS C 166 10.09 -11.38 -27.33
C LYS C 166 10.31 -10.00 -26.73
N MET C 167 9.25 -9.28 -26.43
CA MET C 167 9.33 -7.94 -25.78
C MET C 167 9.98 -8.06 -24.39
N ASN C 168 9.78 -9.18 -23.65
CA ASN C 168 10.30 -9.19 -22.25
C ASN C 168 11.77 -9.56 -22.34
N LEU C 169 12.18 -10.41 -23.30
CA LEU C 169 13.61 -10.76 -23.49
C LEU C 169 14.46 -9.52 -23.78
N SER C 170 14.02 -8.73 -24.75
CA SER C 170 14.63 -7.44 -25.12
C SER C 170 14.79 -6.56 -23.88
N LEU C 171 13.74 -6.24 -23.13
CA LEU C 171 13.84 -5.42 -21.90
C LEU C 171 14.84 -6.09 -20.93
N ALA C 172 14.85 -7.41 -20.83
CA ALA C 172 15.75 -8.08 -19.88
C ALA C 172 17.19 -7.76 -20.34
N LYS C 173 17.50 -7.83 -21.62
CA LYS C 173 18.85 -7.50 -22.12
C LYS C 173 19.18 -6.07 -21.70
N VAL C 174 18.24 -5.11 -21.82
CA VAL C 174 18.48 -3.70 -21.43
C VAL C 174 18.83 -3.68 -19.93
N LEU C 175 18.01 -4.23 -19.05
CA LEU C 175 18.31 -4.47 -17.60
C LEU C 175 19.69 -5.14 -17.41
N ASP C 176 20.02 -6.22 -18.10
CA ASP C 176 21.37 -6.81 -17.97
C ASP C 176 22.42 -5.72 -18.16
N ASN C 177 22.38 -5.06 -19.32
CA ASN C 177 23.29 -3.95 -19.70
C ASN C 177 23.24 -2.89 -18.61
N LEU C 178 22.08 -2.44 -18.23
CA LEU C 178 22.02 -1.37 -17.21
C LEU C 178 22.61 -1.79 -15.86
N ASN C 179 22.93 -3.06 -15.55
CA ASN C 179 23.67 -3.36 -14.29
C ASN C 179 24.89 -4.25 -14.55
#